data_1Y2V
#
_entry.id   1Y2V
#
_cell.length_a   91.860
_cell.length_b   96.160
_cell.length_c   75.080
_cell.angle_alpha   90.00
_cell.angle_beta   90.00
_cell.angle_gamma   90.00
#
_symmetry.space_group_name_H-M   'C 2 2 21'
#
loop_
_entity.id
_entity.type
_entity.pdbx_description
1 polymer lectin
2 branched beta-D-galactopyranose-(1-3)-2-acetamido-2-deoxy-beta-D-galactopyranose
3 non-polymer SERINE
4 water water
#
_entity_poly.entity_id   1
_entity_poly.type   'polypeptide(L)'
_entity_poly.pdbx_seq_one_letter_code
;TYTISIRVYQTTPKGFFRPVERTNWKYANGGTWDEVRGEYVLTMGGSGTSGSLRFVSSDTDESFVATFGVHNYKRWCDIV
TNLTNEQTALVINQEYYGVPIRDQARENQLTSYNVANAKGRRFAIEYTVTEGDNLKANLIIG
;
_entity_poly.pdbx_strand_id   A,B
#
# COMPACT_ATOMS: atom_id res chain seq x y z
N THR A 1 -17.16 1.77 -12.20
CA THR A 1 -15.88 2.42 -11.76
C THR A 1 -16.12 3.64 -10.87
N TYR A 2 -15.56 3.60 -9.66
CA TYR A 2 -15.57 4.74 -8.73
C TYR A 2 -14.17 5.33 -8.60
N THR A 3 -14.09 6.65 -8.44
CA THR A 3 -12.89 7.26 -7.86
C THR A 3 -13.23 8.00 -6.57
N ILE A 4 -12.31 7.95 -5.61
CA ILE A 4 -12.39 8.78 -4.43
C ILE A 4 -11.10 9.61 -4.40
N SER A 5 -11.23 10.92 -4.58
CA SER A 5 -10.10 11.84 -4.61
C SER A 5 -9.95 12.53 -3.25
N ILE A 6 -8.75 12.41 -2.66
CA ILE A 6 -8.53 12.84 -1.28
C ILE A 6 -7.49 13.95 -1.18
N ARG A 7 -7.88 15.02 -0.48
CA ARG A 7 -7.01 16.14 -0.19
C ARG A 7 -6.63 16.08 1.28
N VAL A 8 -5.33 16.14 1.55
CA VAL A 8 -4.85 16.04 2.92
C VAL A 8 -4.54 17.42 3.49
N TYR A 9 -5.11 17.68 4.66
CA TYR A 9 -4.88 18.92 5.38
C TYR A 9 -4.22 18.60 6.70
N GLN A 10 -3.04 19.17 6.90
CA GLN A 10 -2.33 19.04 8.16
C GLN A 10 -2.41 20.40 8.83
N THR A 11 -3.18 20.49 9.91
CA THR A 11 -3.68 21.79 10.39
C THR A 11 -2.84 22.49 11.45
N THR A 12 -1.96 21.75 12.11
CA THR A 12 -1.07 22.34 13.11
C THR A 12 0.37 21.94 12.84
N PRO A 13 1.29 22.91 12.92
CA PRO A 13 2.73 22.64 12.74
C PRO A 13 3.34 21.84 13.90
N LYS A 14 2.50 21.11 14.64
CA LYS A 14 2.95 20.29 15.76
C LYS A 14 3.00 18.84 15.30
N GLY A 15 4.21 18.32 15.14
CA GLY A 15 4.39 17.03 14.51
C GLY A 15 4.32 17.16 13.01
N PHE A 16 4.66 16.09 12.31
CA PHE A 16 4.55 16.03 10.86
C PHE A 16 4.22 14.62 10.40
N PHE A 17 3.03 14.48 9.84
CA PHE A 17 2.56 13.20 9.33
C PHE A 17 2.93 13.10 7.86
N ARG A 18 3.55 11.99 7.49
CA ARG A 18 3.99 11.72 6.13
C ARG A 18 3.34 10.43 5.65
N PRO A 19 3.06 10.31 4.35
CA PRO A 19 2.47 9.08 3.80
C PRO A 19 3.46 7.91 3.86
N VAL A 20 3.00 6.72 4.25
CA VAL A 20 3.90 5.58 4.35
C VAL A 20 3.40 4.29 3.70
N GLU A 21 2.13 4.25 3.30
CA GLU A 21 1.54 3.01 2.81
C GLU A 21 0.19 3.30 2.18
N ARG A 22 -0.12 2.58 1.10
CA ARG A 22 -1.42 2.69 0.45
C ARG A 22 -1.84 1.34 -0.12
N THR A 23 -2.98 0.84 0.31
CA THR A 23 -3.39 -0.53 0.01
C THR A 23 -4.72 -0.57 -0.71
N ASN A 24 -4.95 -1.66 -1.43
CA ASN A 24 -6.20 -1.92 -2.13
C ASN A 24 -6.78 -3.26 -1.75
N TRP A 25 -8.04 -3.25 -1.33
CA TRP A 25 -8.79 -4.48 -1.07
C TRP A 25 -9.18 -5.17 -2.39
N LYS A 26 -9.40 -6.48 -2.31
CA LYS A 26 -9.47 -7.35 -3.48
C LYS A 26 -10.86 -7.51 -4.10
N TYR A 27 -11.91 -7.10 -3.37
CA TYR A 27 -13.28 -7.23 -3.88
C TYR A 27 -13.55 -6.29 -5.05
N ALA A 28 -14.64 -6.56 -5.78
CA ALA A 28 -15.11 -5.71 -6.87
C ALA A 28 -14.03 -5.37 -7.91
N ASN A 29 -13.23 -6.38 -8.26
CA ASN A 29 -12.16 -6.23 -9.25
C ASN A 29 -11.00 -5.34 -8.79
N GLY A 30 -10.89 -5.20 -7.46
CA GLY A 30 -9.77 -4.51 -6.84
C GLY A 30 -9.82 -3.02 -7.04
N GLY A 31 -8.65 -2.40 -7.09
CA GLY A 31 -8.55 -0.97 -7.25
C GLY A 31 -7.10 -0.53 -7.28
N THR A 32 -6.89 0.77 -7.45
CA THR A 32 -5.55 1.35 -7.52
C THR A 32 -5.51 2.65 -6.73
N TRP A 33 -4.30 3.05 -6.36
CA TRP A 33 -4.03 4.40 -5.86
C TRP A 33 -3.18 5.17 -6.87
N ASP A 34 -3.62 6.39 -7.20
CA ASP A 34 -2.82 7.30 -8.02
C ASP A 34 -2.68 8.64 -7.32
N GLU A 35 -1.54 9.29 -7.55
CA GLU A 35 -1.37 10.68 -7.19
C GLU A 35 -1.75 11.53 -8.40
N VAL A 36 -2.70 12.44 -8.20
CA VAL A 36 -3.20 13.29 -9.28
C VAL A 36 -3.35 14.71 -8.75
N ARG A 37 -2.55 15.61 -9.32
CA ARG A 37 -2.64 17.05 -8.99
C ARG A 37 -2.62 17.30 -7.47
N GLY A 38 -1.74 16.59 -6.78
CA GLY A 38 -1.55 16.77 -5.35
C GLY A 38 -2.51 16.02 -4.45
N GLU A 39 -3.40 15.23 -5.06
CA GLU A 39 -4.41 14.48 -4.33
C GLU A 39 -4.17 12.98 -4.43
N TYR A 40 -4.66 12.22 -3.46
CA TYR A 40 -4.57 10.76 -3.53
C TYR A 40 -5.87 10.27 -4.14
N VAL A 41 -5.78 9.52 -5.23
CA VAL A 41 -6.98 9.06 -5.91
C VAL A 41 -7.11 7.53 -5.86
N LEU A 42 -8.15 7.07 -5.20
CA LEU A 42 -8.46 5.65 -5.12
C LEU A 42 -9.46 5.32 -6.21
N THR A 43 -9.10 4.40 -7.10
CA THR A 43 -9.98 3.94 -8.18
C THR A 43 -10.40 2.51 -7.91
N MET A 44 -11.70 2.23 -8.01
CA MET A 44 -12.21 0.90 -7.68
C MET A 44 -13.10 0.38 -8.81
N GLY A 45 -13.03 -0.94 -9.04
CA GLY A 45 -13.74 -1.56 -10.14
C GLY A 45 -15.25 -1.67 -9.98
N GLY A 46 -15.76 -1.32 -8.81
CA GLY A 46 -17.19 -1.33 -8.55
C GLY A 46 -17.44 -1.07 -7.08
N SER A 47 -18.70 -1.24 -6.67
CA SER A 47 -19.06 -1.13 -5.26
C SER A 47 -18.66 -2.39 -4.47
N GLY A 48 -18.19 -2.19 -3.24
CA GLY A 48 -17.92 -3.31 -2.35
C GLY A 48 -16.46 -3.51 -2.01
N THR A 49 -15.62 -2.54 -2.35
CA THR A 49 -14.22 -2.60 -1.96
C THR A 49 -13.74 -1.26 -1.37
N SER A 50 -12.45 -1.15 -1.14
CA SER A 50 -11.90 -0.02 -0.40
C SER A 50 -10.39 0.04 -0.57
N GLY A 51 -9.80 1.12 -0.07
CA GLY A 51 -8.36 1.26 0.00
C GLY A 51 -8.00 2.06 1.22
N SER A 52 -6.79 1.86 1.73
CA SER A 52 -6.35 2.53 2.95
C SER A 52 -5.07 3.34 2.73
N LEU A 53 -4.94 4.44 3.48
CA LEU A 53 -3.71 5.21 3.55
C LEU A 53 -3.24 5.22 4.99
N ARG A 54 -1.94 4.98 5.18
CA ARG A 54 -1.34 5.14 6.49
C ARG A 54 -0.43 6.36 6.48
N PHE A 55 -0.49 7.13 7.57
CA PHE A 55 0.37 8.29 7.77
C PHE A 55 1.07 8.15 9.12
N VAL A 56 2.33 8.54 9.18
CA VAL A 56 3.11 8.45 10.41
C VAL A 56 3.77 9.79 10.72
N SER A 57 3.67 10.19 11.98
CA SER A 57 4.48 11.29 12.53
C SER A 57 5.53 10.72 13.48
N SER A 58 6.75 10.51 12.96
CA SER A 58 7.85 9.97 13.75
C SER A 58 8.33 10.94 14.83
N ASP A 59 8.16 12.24 14.58
CA ASP A 59 8.47 13.31 15.54
C ASP A 59 7.74 13.11 16.87
N THR A 60 6.48 12.69 16.79
CA THR A 60 5.59 12.62 17.94
C THR A 60 5.07 11.21 18.24
N ASP A 61 5.61 10.21 17.55
CA ASP A 61 5.18 8.81 17.63
C ASP A 61 3.65 8.65 17.51
N GLU A 62 3.09 9.27 16.48
CA GLU A 62 1.68 9.14 16.16
C GLU A 62 1.49 8.55 14.78
N SER A 63 0.36 7.88 14.58
CA SER A 63 0.03 7.31 13.28
C SER A 63 -1.45 7.04 13.18
N PHE A 64 -1.94 6.87 11.95
CA PHE A 64 -3.33 6.51 11.71
C PHE A 64 -3.50 5.88 10.34
N VAL A 65 -4.54 5.05 10.20
CA VAL A 65 -4.94 4.52 8.91
C VAL A 65 -6.31 5.09 8.55
N ALA A 66 -6.42 5.70 7.37
CA ALA A 66 -7.70 6.19 6.88
C ALA A 66 -8.14 5.28 5.76
N THR A 67 -9.39 4.81 5.83
CA THR A 67 -9.92 3.89 4.83
C THR A 67 -11.16 4.50 4.18
N PHE A 68 -11.24 4.32 2.86
CA PHE A 68 -12.30 4.86 2.02
C PHE A 68 -12.79 3.75 1.10
N GLY A 69 -14.09 3.70 0.86
CA GLY A 69 -14.63 2.68 -0.01
C GLY A 69 -16.06 2.95 -0.35
N VAL A 70 -16.67 2.00 -1.05
CA VAL A 70 -18.08 2.08 -1.40
C VAL A 70 -18.72 0.77 -0.93
N HIS A 71 -19.75 0.87 -0.10
CA HIS A 71 -20.48 -0.29 0.38
C HIS A 71 -21.92 -0.16 -0.05
N ASN A 72 -22.43 -1.19 -0.74
CA ASN A 72 -23.79 -1.16 -1.29
C ASN A 72 -24.14 0.17 -1.96
N TYR A 73 -23.22 0.60 -2.83
CA TYR A 73 -23.38 1.80 -3.67
C TYR A 73 -23.38 3.12 -2.89
N LYS A 74 -22.95 3.10 -1.63
CA LYS A 74 -22.76 4.33 -0.87
C LYS A 74 -21.35 4.38 -0.30
N ARG A 75 -20.74 5.55 -0.35
CA ARG A 75 -19.37 5.71 0.15
C ARG A 75 -19.30 5.48 1.65
N TRP A 76 -18.15 5.02 2.12
CA TRP A 76 -17.92 4.89 3.54
C TRP A 76 -16.51 5.32 3.87
N CYS A 77 -16.26 5.56 5.15
CA CYS A 77 -14.91 5.85 5.59
C CYS A 77 -14.72 5.44 7.04
N ASP A 78 -13.47 5.27 7.42
CA ASP A 78 -13.11 5.07 8.81
C ASP A 78 -11.68 5.53 9.04
N ILE A 79 -11.37 5.81 10.29
CA ILE A 79 -9.99 6.04 10.70
C ILE A 79 -9.71 5.18 11.90
N VAL A 80 -8.54 4.54 11.90
CA VAL A 80 -8.04 3.85 13.07
C VAL A 80 -6.75 4.52 13.47
N THR A 81 -6.65 4.86 14.75
CA THR A 81 -5.40 5.38 15.29
C THR A 81 -4.98 4.55 16.51
N ASN A 82 -4.05 5.08 17.32
CA ASN A 82 -3.46 4.30 18.42
C ASN A 82 -2.91 2.98 17.89
N LEU A 83 -2.31 3.03 16.69
CA LEU A 83 -1.85 1.82 16.02
C LEU A 83 -0.70 1.14 16.75
N THR A 84 -0.74 -0.19 16.79
CA THR A 84 0.43 -0.98 17.17
C THR A 84 1.32 -1.06 15.93
N ASN A 85 2.58 -1.46 16.12
CA ASN A 85 3.49 -1.65 14.99
C ASN A 85 3.02 -2.74 14.04
N GLU A 86 2.17 -3.64 14.53
CA GLU A 86 1.62 -4.73 13.72
C GLU A 86 0.37 -4.29 12.93
N GLN A 87 -0.07 -3.06 13.15
CA GLN A 87 -1.26 -2.56 12.46
C GLN A 87 -0.89 -1.66 11.29
N THR A 88 -0.36 -2.28 10.23
CA THR A 88 -0.10 -1.56 8.99
C THR A 88 -1.43 -1.40 8.26
N ALA A 89 -1.43 -0.62 7.17
CA ALA A 89 -2.64 -0.44 6.37
C ALA A 89 -3.07 -1.76 5.74
N LEU A 90 -2.09 -2.60 5.38
CA LEU A 90 -2.37 -3.93 4.85
C LEU A 90 -3.30 -4.69 5.80
N VAL A 91 -2.96 -4.67 7.09
CA VAL A 91 -3.73 -5.34 8.13
C VAL A 91 -5.09 -4.70 8.31
N ILE A 92 -5.10 -3.38 8.51
CA ILE A 92 -6.33 -2.65 8.82
C ILE A 92 -7.36 -2.68 7.69
N ASN A 93 -6.91 -2.48 6.44
CA ASN A 93 -7.79 -2.55 5.27
C ASN A 93 -8.64 -3.84 5.26
N GLN A 94 -8.00 -4.96 5.55
CA GLN A 94 -8.64 -6.28 5.48
C GLN A 94 -9.66 -6.50 6.59
N GLU A 95 -9.45 -5.83 7.71
CA GLU A 95 -10.29 -6.03 8.90
C GLU A 95 -11.73 -5.58 8.66
N TYR A 96 -11.92 -4.71 7.67
CA TYR A 96 -13.25 -4.25 7.30
C TYR A 96 -14.07 -5.31 6.56
N TYR A 97 -13.48 -6.49 6.39
CA TYR A 97 -14.17 -7.62 5.74
C TYR A 97 -14.04 -8.89 6.56
N GLY A 98 -14.51 -8.82 7.81
CA GLY A 98 -14.44 -9.95 8.71
C GLY A 98 -14.48 -9.64 10.20
N VAL A 99 -13.99 -8.47 10.59
CA VAL A 99 -14.01 -8.06 12.01
C VAL A 99 -15.29 -7.26 12.29
N PRO A 100 -16.17 -7.79 13.13
CA PRO A 100 -17.48 -7.17 13.39
C PRO A 100 -17.47 -5.64 13.58
N ILE A 101 -16.60 -5.11 14.43
CA ILE A 101 -16.62 -3.67 14.72
C ILE A 101 -16.20 -2.85 13.49
N ARG A 102 -15.27 -3.40 12.72
CA ARG A 102 -14.82 -2.78 11.47
C ARG A 102 -15.87 -2.92 10.38
N ASP A 103 -16.45 -4.11 10.24
CA ASP A 103 -17.58 -4.34 9.34
C ASP A 103 -18.67 -3.30 9.58
N GLN A 104 -18.95 -3.05 10.85
CA GLN A 104 -20.01 -2.11 11.25
C GLN A 104 -19.69 -0.68 10.80
N ALA A 105 -18.43 -0.28 10.95
CA ALA A 105 -17.99 1.04 10.50
C ALA A 105 -18.26 1.21 9.00
N ARG A 106 -17.90 0.20 8.22
CA ARG A 106 -18.16 0.20 6.77
C ARG A 106 -19.65 0.28 6.46
N GLU A 107 -20.43 -0.56 7.14
CA GLU A 107 -21.89 -0.60 6.98
C GLU A 107 -22.57 0.75 7.31
N ASN A 108 -21.93 1.53 8.17
CA ASN A 108 -22.41 2.88 8.52
C ASN A 108 -22.45 3.86 7.34
N GLN A 109 -21.67 3.58 6.29
CA GLN A 109 -21.69 4.36 5.04
C GLN A 109 -21.59 5.87 5.32
N LEU A 110 -20.64 6.25 6.17
CA LEU A 110 -20.55 7.63 6.65
C LEU A 110 -19.97 8.56 5.60
N THR A 111 -20.49 9.78 5.57
CA THR A 111 -19.96 10.86 4.74
C THR A 111 -18.91 11.64 5.50
N SER A 112 -18.83 11.40 6.80
CA SER A 112 -17.81 12.01 7.65
C SER A 112 -17.62 11.21 8.93
N TYR A 113 -16.38 11.24 9.43
CA TYR A 113 -16.02 10.48 10.62
C TYR A 113 -14.82 11.14 11.26
N ASN A 114 -14.72 11.03 12.59
CA ASN A 114 -13.53 11.45 13.32
C ASN A 114 -13.20 10.55 14.51
N VAL A 115 -11.94 10.57 14.91
CA VAL A 115 -11.48 9.82 16.06
C VAL A 115 -10.19 10.46 16.59
N ALA A 116 -9.97 10.34 17.89
CA ALA A 116 -8.78 10.90 18.51
C ALA A 116 -7.87 9.79 19.00
N ASN A 117 -6.57 10.04 18.95
CA ASN A 117 -5.61 9.13 19.57
C ASN A 117 -5.50 9.42 21.06
N ALA A 118 -4.73 8.60 21.77
CA ALA A 118 -4.52 8.71 23.21
C ALA A 118 -3.82 10.04 23.58
N LYS A 119 -3.15 10.64 22.61
CA LYS A 119 -2.43 11.91 22.79
C LYS A 119 -3.35 13.14 22.65
N GLY A 120 -4.61 12.90 22.28
CA GLY A 120 -5.60 13.98 22.20
C GLY A 120 -5.74 14.63 20.84
N ARG A 121 -5.00 14.12 19.85
CA ARG A 121 -5.09 14.65 18.50
C ARG A 121 -6.21 13.96 17.74
N ARG A 122 -7.04 14.77 17.09
CA ARG A 122 -8.16 14.29 16.30
C ARG A 122 -7.86 14.27 14.80
N PHE A 123 -8.43 13.28 14.12
CA PHE A 123 -8.34 13.12 12.69
C PHE A 123 -9.76 13.01 12.15
N ALA A 124 -10.01 13.53 10.96
CA ALA A 124 -11.33 13.45 10.34
C ALA A 124 -11.28 13.17 8.85
N ILE A 125 -12.33 12.50 8.37
CA ILE A 125 -12.60 12.44 6.94
C ILE A 125 -13.92 13.16 6.71
N GLU A 126 -13.96 14.00 5.68
CA GLU A 126 -15.15 14.73 5.28
C GLU A 126 -15.31 14.57 3.76
N TYR A 127 -16.31 13.78 3.33
CA TYR A 127 -16.64 13.75 1.90
C TYR A 127 -17.29 15.06 1.47
N THR A 128 -16.68 15.73 0.49
CA THR A 128 -17.22 16.99 -0.05
C THR A 128 -18.13 16.74 -1.27
N VAL A 129 -17.90 15.62 -1.94
CA VAL A 129 -18.82 15.07 -2.93
C VAL A 129 -19.20 13.67 -2.45
N THR A 130 -20.49 13.48 -2.16
CA THR A 130 -20.96 12.29 -1.45
C THR A 130 -21.76 11.35 -2.36
N GLU A 131 -21.96 11.77 -3.60
CA GLU A 131 -22.79 11.03 -4.55
C GLU A 131 -22.10 10.95 -5.89
N GLY A 132 -22.43 9.93 -6.67
CA GLY A 132 -21.90 9.78 -8.02
C GLY A 132 -20.67 8.90 -8.05
N ASP A 133 -19.97 8.87 -9.18
CA ASP A 133 -18.84 7.97 -9.32
C ASP A 133 -17.49 8.64 -9.05
N ASN A 134 -17.46 9.96 -9.06
CA ASN A 134 -16.24 10.70 -8.74
C ASN A 134 -16.40 11.44 -7.41
N LEU A 135 -16.20 10.68 -6.33
CA LEU A 135 -16.34 11.18 -4.97
C LEU A 135 -15.09 11.93 -4.53
N LYS A 136 -15.25 12.84 -3.57
CA LYS A 136 -14.15 13.68 -3.11
C LYS A 136 -14.21 13.79 -1.59
N ALA A 137 -13.04 13.78 -0.95
CA ALA A 137 -12.99 13.86 0.50
C ALA A 137 -11.81 14.70 0.97
N ASN A 138 -11.98 15.33 2.14
CA ASN A 138 -10.88 15.95 2.85
C ASN A 138 -10.44 15.00 3.95
N LEU A 139 -9.14 14.76 4.02
CA LEU A 139 -8.56 14.10 5.18
C LEU A 139 -7.89 15.19 6.02
N ILE A 140 -8.45 15.43 7.21
CA ILE A 140 -8.05 16.54 8.07
C ILE A 140 -7.28 16.03 9.28
N ILE A 141 -6.04 16.47 9.43
CA ILE A 141 -5.22 16.09 10.57
C ILE A 141 -5.21 17.25 11.57
N GLY A 142 -5.73 17.00 12.77
CA GLY A 142 -5.82 18.03 13.79
C GLY A 142 -4.53 18.22 14.54
N THR B 1 17.25 -2.22 12.46
CA THR B 1 16.42 -1.59 11.39
C THR B 1 17.05 -1.82 10.01
N TYR B 2 16.22 -2.23 9.06
CA TYR B 2 16.68 -2.44 7.68
C TYR B 2 16.03 -1.42 6.75
N THR B 3 16.78 -0.98 5.74
CA THR B 3 16.19 -0.27 4.61
C THR B 3 16.52 -0.98 3.30
N ILE B 4 15.59 -0.91 2.36
CA ILE B 4 15.86 -1.32 0.99
C ILE B 4 15.45 -0.15 0.11
N SER B 5 16.43 0.43 -0.58
CA SER B 5 16.20 1.56 -1.48
C SER B 5 16.15 1.05 -2.90
N ILE B 6 15.07 1.37 -3.60
CA ILE B 6 14.75 0.79 -4.90
C ILE B 6 14.70 1.86 -5.99
N ARG B 7 15.48 1.64 -7.05
CA ARG B 7 15.52 2.49 -8.23
C ARG B 7 14.77 1.77 -9.33
N VAL B 8 13.75 2.42 -9.87
CA VAL B 8 12.90 1.83 -10.89
C VAL B 8 13.37 2.26 -12.28
N TYR B 9 13.69 1.27 -13.10
CA TYR B 9 14.09 1.48 -14.49
C TYR B 9 13.04 0.91 -15.41
N GLN B 10 12.30 1.79 -16.06
CA GLN B 10 11.32 1.38 -17.05
C GLN B 10 11.96 1.57 -18.43
N THR B 11 12.31 0.45 -19.05
CA THR B 11 13.27 0.47 -20.17
C THR B 11 12.67 0.48 -21.57
N THR B 12 11.37 0.21 -21.68
CA THR B 12 10.74 0.11 -23.00
C THR B 12 9.51 0.99 -23.14
N PRO B 13 9.52 1.89 -24.11
CA PRO B 13 8.39 2.80 -24.35
C PRO B 13 7.30 2.12 -25.18
N LYS B 14 7.02 0.88 -24.84
CA LYS B 14 5.82 0.19 -25.27
C LYS B 14 5.05 -0.11 -23.99
N GLY B 15 3.89 0.53 -23.83
CA GLY B 15 3.18 0.47 -22.57
C GLY B 15 3.78 1.42 -21.55
N PHE B 16 3.08 1.58 -20.43
CA PHE B 16 3.57 2.41 -19.35
C PHE B 16 3.07 1.90 -18.01
N PHE B 17 4.01 1.46 -17.18
CA PHE B 17 3.72 0.98 -15.83
C PHE B 17 3.80 2.12 -14.83
N ARG B 18 2.72 2.32 -14.07
CA ARG B 18 2.64 3.39 -13.09
C ARG B 18 2.49 2.75 -11.72
N PRO B 19 2.98 3.39 -10.66
CA PRO B 19 2.87 2.84 -9.31
C PRO B 19 1.42 2.95 -8.82
N VAL B 20 0.87 1.88 -8.25
CA VAL B 20 -0.52 1.90 -7.83
C VAL B 20 -0.76 1.47 -6.39
N GLU B 21 0.25 0.92 -5.72
CA GLU B 21 0.05 0.34 -4.40
C GLU B 21 1.38 0.04 -3.72
N ARG B 22 1.45 0.30 -2.42
CA ARG B 22 2.65 -0.05 -1.65
C ARG B 22 2.25 -0.50 -0.26
N THR B 23 2.63 -1.73 0.08
CA THR B 23 2.14 -2.36 1.30
C THR B 23 3.26 -2.73 2.25
N ASN B 24 2.91 -2.84 3.53
CA ASN B 24 3.81 -3.32 4.56
C ASN B 24 3.25 -4.52 5.31
N TRP B 25 4.00 -5.61 5.31
CA TRP B 25 3.65 -6.76 6.14
C TRP B 25 3.90 -6.40 7.62
N LYS B 26 3.25 -7.13 8.52
CA LYS B 26 3.11 -6.74 9.92
C LYS B 26 4.15 -7.30 10.88
N TYR B 27 4.95 -8.26 10.43
CA TYR B 27 5.96 -8.88 11.29
C TYR B 27 7.11 -7.93 11.54
N ALA B 28 8.00 -8.30 12.45
CA ALA B 28 9.23 -7.54 12.71
C ALA B 28 8.97 -6.05 12.97
N ASN B 29 7.91 -5.75 13.71
CA ASN B 29 7.48 -4.39 14.05
C ASN B 29 7.10 -3.53 12.85
N GLY B 30 6.64 -4.20 11.79
CA GLY B 30 6.15 -3.52 10.60
C GLY B 30 7.21 -2.79 9.81
N GLY B 31 6.77 -1.79 9.07
CA GLY B 31 7.64 -1.04 8.17
C GLY B 31 6.91 0.10 7.51
N THR B 32 7.65 0.87 6.71
CA THR B 32 7.09 2.03 6.00
C THR B 32 7.64 2.08 4.58
N TRP B 33 6.92 2.78 3.71
CA TRP B 33 7.43 3.16 2.39
C TRP B 33 7.59 4.68 2.35
N ASP B 34 8.75 5.13 1.88
CA ASP B 34 9.00 6.56 1.65
C ASP B 34 9.52 6.75 0.26
N GLU B 35 9.26 7.93 -0.30
CA GLU B 35 9.91 8.35 -1.53
C GLU B 35 11.06 9.25 -1.14
N VAL B 36 12.25 8.93 -1.64
CA VAL B 36 13.48 9.63 -1.27
C VAL B 36 14.34 9.81 -2.51
N ARG B 37 14.47 11.06 -2.96
CA ARG B 37 15.32 11.41 -4.10
C ARG B 37 15.01 10.55 -5.33
N GLY B 38 13.72 10.34 -5.59
CA GLY B 38 13.26 9.58 -6.75
C GLY B 38 13.31 8.07 -6.58
N GLU B 39 13.59 7.61 -5.36
CA GLU B 39 13.71 6.18 -5.07
C GLU B 39 12.63 5.76 -4.09
N TYR B 40 12.25 4.48 -4.11
CA TYR B 40 11.32 3.94 -3.11
C TYR B 40 12.13 3.32 -1.98
N VAL B 41 11.84 3.74 -0.75
CA VAL B 41 12.59 3.27 0.41
C VAL B 41 11.69 2.51 1.37
N LEU B 42 11.91 1.20 1.45
CA LEU B 42 11.22 0.35 2.39
C LEU B 42 12.06 0.30 3.66
N THR B 43 11.49 0.71 4.78
CA THR B 43 12.18 0.66 6.08
C THR B 43 11.47 -0.38 6.92
N MET B 44 12.21 -1.30 7.54
CA MET B 44 11.61 -2.37 8.34
C MET B 44 12.21 -2.44 9.73
N GLY B 45 11.38 -2.76 10.72
CA GLY B 45 11.77 -2.72 12.13
C GLY B 45 12.63 -3.87 12.60
N GLY B 46 12.94 -4.79 11.70
CA GLY B 46 13.73 -5.97 12.01
C GLY B 46 13.70 -6.95 10.86
N SER B 47 14.35 -8.10 11.04
CA SER B 47 14.33 -9.16 10.04
C SER B 47 13.03 -9.96 10.15
N GLY B 48 12.49 -10.38 9.01
CA GLY B 48 11.32 -11.24 9.00
C GLY B 48 10.07 -10.60 8.45
N THR B 49 10.20 -9.42 7.86
CA THR B 49 9.07 -8.81 7.20
C THR B 49 9.42 -8.35 5.77
N SER B 50 8.52 -7.60 5.15
CA SER B 50 8.66 -7.26 3.74
C SER B 50 7.66 -6.19 3.37
N GLY B 51 7.78 -5.69 2.14
CA GLY B 51 6.82 -4.76 1.58
C GLY B 51 6.72 -4.98 0.08
N SER B 52 5.57 -4.61 -0.49
CA SER B 52 5.29 -4.87 -1.90
C SER B 52 4.93 -3.60 -2.65
N LEU B 53 5.38 -3.54 -3.91
CA LEU B 53 5.00 -2.48 -4.84
C LEU B 53 4.28 -3.09 -6.02
N ARG B 54 3.10 -2.56 -6.32
CA ARG B 54 2.38 -2.99 -7.52
C ARG B 54 2.45 -1.89 -8.58
N PHE B 55 2.66 -2.31 -9.82
CA PHE B 55 2.70 -1.41 -10.97
C PHE B 55 1.73 -1.94 -12.04
N VAL B 56 1.04 -1.03 -12.69
CA VAL B 56 0.03 -1.39 -13.69
C VAL B 56 0.27 -0.61 -14.99
N SER B 57 0.26 -1.32 -16.13
CA SER B 57 0.28 -0.70 -17.45
C SER B 57 -1.11 -0.83 -18.07
N SER B 58 -1.94 0.19 -17.88
CA SER B 58 -3.32 0.16 -18.35
C SER B 58 -3.43 0.10 -19.88
N ASP B 59 -2.45 0.69 -20.56
CA ASP B 59 -2.37 0.70 -22.02
C ASP B 59 -2.33 -0.72 -22.60
N THR B 60 -1.66 -1.61 -21.88
CA THR B 60 -1.35 -2.95 -22.41
C THR B 60 -1.89 -4.10 -21.56
N ASP B 61 -2.74 -3.78 -20.58
CA ASP B 61 -3.31 -4.75 -19.64
C ASP B 61 -2.24 -5.66 -19.02
N GLU B 62 -1.17 -5.03 -18.53
CA GLU B 62 -0.10 -5.74 -17.83
C GLU B 62 0.03 -5.16 -16.42
N SER B 63 0.53 -6.00 -15.52
CA SER B 63 0.75 -5.59 -14.13
C SER B 63 1.69 -6.57 -13.45
N PHE B 64 2.29 -6.14 -12.34
CA PHE B 64 3.13 -7.02 -11.54
C PHE B 64 3.25 -6.48 -10.11
N VAL B 65 3.55 -7.37 -9.18
CA VAL B 65 3.87 -6.98 -7.81
C VAL B 65 5.31 -7.39 -7.54
N ALA B 66 6.11 -6.45 -7.05
CA ALA B 66 7.49 -6.72 -6.67
C ALA B 66 7.59 -6.61 -5.16
N THR B 67 8.10 -7.68 -4.55
CA THR B 67 8.18 -7.75 -3.09
C THR B 67 9.64 -7.83 -2.66
N PHE B 68 9.95 -7.10 -1.59
CA PHE B 68 11.30 -6.98 -1.05
C PHE B 68 11.19 -7.17 0.45
N GLY B 69 12.18 -7.82 1.04
CA GLY B 69 12.17 -7.99 2.48
C GLY B 69 13.46 -8.60 2.97
N VAL B 70 13.47 -8.95 4.26
CA VAL B 70 14.63 -9.63 4.85
C VAL B 70 14.10 -10.87 5.57
N HIS B 71 14.66 -12.03 5.23
CA HIS B 71 14.27 -13.30 5.83
C HIS B 71 15.51 -13.95 6.48
N ASN B 72 15.43 -14.20 7.78
CA ASN B 72 16.57 -14.77 8.52
C ASN B 72 17.83 -13.97 8.20
N TYR B 73 17.70 -12.64 8.32
CA TYR B 73 18.79 -11.69 8.24
C TYR B 73 19.46 -11.62 6.85
N LYS B 74 18.79 -12.15 5.84
CA LYS B 74 19.23 -12.01 4.46
C LYS B 74 18.09 -11.46 3.59
N ARG B 75 18.43 -10.52 2.71
CA ARG B 75 17.44 -9.95 1.79
C ARG B 75 16.80 -10.99 0.89
N TRP B 76 15.56 -10.72 0.48
CA TRP B 76 14.91 -11.57 -0.50
C TRP B 76 14.07 -10.72 -1.43
N CYS B 77 13.66 -11.31 -2.54
CA CYS B 77 12.78 -10.63 -3.48
C CYS B 77 12.01 -11.65 -4.27
N ASP B 78 10.91 -11.18 -4.86
CA ASP B 78 10.11 -11.98 -5.77
C ASP B 78 9.32 -11.02 -6.66
N ILE B 79 8.95 -11.50 -7.83
CA ILE B 79 8.02 -10.79 -8.71
C ILE B 79 6.88 -11.73 -9.08
N VAL B 80 5.65 -11.24 -8.99
CA VAL B 80 4.50 -11.98 -9.46
C VAL B 80 3.87 -11.16 -10.57
N THR B 81 3.59 -11.80 -11.70
CA THR B 81 2.93 -11.11 -12.80
C THR B 81 1.74 -11.93 -13.30
N ASN B 82 1.12 -11.50 -14.40
CA ASN B 82 -0.11 -12.12 -14.89
C ASN B 82 -1.19 -12.10 -13.80
N LEU B 83 -1.34 -10.96 -13.15
CA LEU B 83 -2.24 -10.82 -12.00
C LEU B 83 -3.71 -10.82 -12.40
N THR B 84 -4.54 -11.46 -11.59
CA THR B 84 -5.98 -11.26 -11.65
C THR B 84 -6.30 -9.96 -10.91
N ASN B 85 -7.51 -9.47 -11.08
CA ASN B 85 -7.91 -8.19 -10.47
C ASN B 85 -7.99 -8.31 -8.95
N GLU B 86 -8.04 -9.54 -8.47
CA GLU B 86 -8.15 -9.86 -7.05
C GLU B 86 -6.77 -9.95 -6.39
N GLN B 87 -5.71 -9.94 -7.20
CA GLN B 87 -4.36 -10.03 -6.67
C GLN B 87 -3.75 -8.63 -6.54
N THR B 88 -4.21 -7.90 -5.54
CA THR B 88 -3.62 -6.61 -5.21
C THR B 88 -2.31 -6.90 -4.46
N ALA B 89 -1.52 -5.86 -4.24
CA ALA B 89 -0.31 -5.99 -3.42
C ALA B 89 -0.65 -6.38 -1.98
N LEU B 90 -1.77 -5.90 -1.47
CA LEU B 90 -2.26 -6.30 -0.15
C LEU B 90 -2.39 -7.82 -0.10
N VAL B 91 -3.00 -8.40 -1.12
CA VAL B 91 -3.12 -9.86 -1.23
C VAL B 91 -1.77 -10.58 -1.34
N ILE B 92 -0.96 -10.16 -2.31
CA ILE B 92 0.31 -10.82 -2.64
C ILE B 92 1.32 -10.73 -1.51
N ASN B 93 1.48 -9.55 -0.92
CA ASN B 93 2.42 -9.36 0.19
C ASN B 93 2.17 -10.39 1.29
N GLN B 94 0.91 -10.54 1.67
CA GLN B 94 0.46 -11.42 2.75
C GLN B 94 0.64 -12.90 2.41
N GLU B 95 0.58 -13.24 1.12
CA GLU B 95 0.73 -14.64 0.69
C GLU B 95 2.12 -15.21 0.95
N TYR B 96 3.11 -14.33 1.13
CA TYR B 96 4.47 -14.78 1.41
C TYR B 96 4.62 -15.32 2.84
N TYR B 97 3.52 -15.31 3.60
CA TYR B 97 3.52 -15.77 4.99
C TYR B 97 2.39 -16.78 5.25
N GLY B 98 2.46 -17.90 4.53
CA GLY B 98 1.47 -18.95 4.66
C GLY B 98 1.11 -19.71 3.39
N VAL B 99 1.36 -19.12 2.22
CA VAL B 99 1.16 -19.84 0.96
C VAL B 99 2.49 -20.48 0.54
N PRO B 100 2.53 -21.82 0.51
CA PRO B 100 3.78 -22.56 0.27
C PRO B 100 4.59 -22.14 -0.96
N ILE B 101 3.94 -21.91 -2.10
CA ILE B 101 4.66 -21.52 -3.32
C ILE B 101 5.32 -20.14 -3.17
N ARG B 102 4.75 -19.31 -2.30
CA ARG B 102 5.26 -17.98 -2.02
C ARG B 102 6.31 -18.00 -0.89
N ASP B 103 6.02 -18.77 0.16
CA ASP B 103 6.96 -18.99 1.26
C ASP B 103 8.34 -19.39 0.73
N GLN B 104 8.35 -20.31 -0.22
CA GLN B 104 9.61 -20.84 -0.76
C GLN B 104 10.44 -19.79 -1.50
N ALA B 105 9.76 -18.88 -2.20
CA ALA B 105 10.44 -17.77 -2.86
C ALA B 105 11.15 -16.91 -1.81
N ARG B 106 10.44 -16.60 -0.72
CA ARG B 106 11.01 -15.80 0.36
C ARG B 106 12.21 -16.50 0.99
N GLU B 107 12.07 -17.80 1.23
CA GLU B 107 13.10 -18.60 1.86
C GLU B 107 14.35 -18.73 1.00
N ASN B 108 14.21 -18.50 -0.30
CA ASN B 108 15.34 -18.52 -1.23
C ASN B 108 16.35 -17.37 -1.05
N GLN B 109 15.93 -16.32 -0.35
CA GLN B 109 16.78 -15.17 -0.03
C GLN B 109 17.58 -14.67 -1.24
N LEU B 110 16.88 -14.44 -2.35
CA LEU B 110 17.54 -14.13 -3.62
C LEU B 110 18.06 -12.71 -3.69
N THR B 111 19.25 -12.55 -4.28
CA THR B 111 19.84 -11.25 -4.56
C THR B 111 19.35 -10.73 -5.89
N SER B 112 18.79 -11.63 -6.70
CA SER B 112 18.21 -11.25 -7.98
C SER B 112 17.17 -12.26 -8.46
N TYR B 113 16.20 -11.76 -9.22
CA TYR B 113 15.12 -12.57 -9.74
C TYR B 113 14.58 -11.94 -11.02
N ASN B 114 14.29 -12.77 -12.00
CA ASN B 114 13.66 -12.32 -13.23
C ASN B 114 12.59 -13.27 -13.69
N VAL B 115 11.51 -12.70 -14.22
CA VAL B 115 10.34 -13.44 -14.66
C VAL B 115 9.77 -12.73 -15.89
N ALA B 116 9.08 -13.50 -16.73
CA ALA B 116 8.35 -12.96 -17.87
C ALA B 116 6.86 -13.17 -17.69
N ASN B 117 6.07 -12.19 -18.13
CA ASN B 117 4.63 -12.39 -18.19
C ASN B 117 4.23 -13.15 -19.47
N ALA B 118 2.94 -13.45 -19.60
CA ALA B 118 2.41 -14.19 -20.76
C ALA B 118 2.74 -13.52 -22.09
N LYS B 119 2.87 -12.20 -22.07
CA LYS B 119 3.16 -11.42 -23.28
C LYS B 119 4.65 -11.41 -23.62
N GLY B 120 5.47 -11.95 -22.72
CA GLY B 120 6.90 -12.07 -22.96
C GLY B 120 7.74 -10.94 -22.40
N ARG B 121 7.10 -9.96 -21.77
CA ARG B 121 7.83 -8.88 -21.13
C ARG B 121 8.54 -9.38 -19.89
N ARG B 122 9.82 -9.03 -19.79
CA ARG B 122 10.63 -9.44 -18.64
C ARG B 122 10.59 -8.37 -17.55
N PHE B 123 10.63 -8.83 -16.29
CA PHE B 123 10.74 -7.96 -15.13
C PHE B 123 11.83 -8.54 -14.25
N ALA B 124 12.68 -7.70 -13.69
CA ALA B 124 13.78 -8.16 -12.85
C ALA B 124 14.00 -7.29 -11.61
N ILE B 125 14.41 -7.94 -10.52
CA ILE B 125 14.98 -7.24 -9.38
C ILE B 125 16.43 -7.68 -9.25
N GLU B 126 17.32 -6.70 -9.12
CA GLU B 126 18.74 -6.99 -8.89
C GLU B 126 19.24 -6.15 -7.73
N TYR B 127 19.59 -6.81 -6.62
CA TYR B 127 20.17 -6.10 -5.49
C TYR B 127 21.59 -5.68 -5.87
N THR B 128 21.89 -4.41 -5.64
CA THR B 128 23.21 -3.84 -5.91
C THR B 128 24.03 -3.75 -4.62
N VAL B 129 23.35 -3.70 -3.48
CA VAL B 129 23.96 -3.88 -2.16
C VAL B 129 23.22 -5.04 -1.51
N THR B 130 23.97 -6.11 -1.20
CA THR B 130 23.37 -7.38 -0.79
C THR B 130 23.58 -7.74 0.67
N GLU B 131 24.31 -6.91 1.40
CA GLU B 131 24.57 -7.16 2.82
C GLU B 131 24.46 -5.90 3.67
N GLY B 132 24.30 -6.08 4.98
CA GLY B 132 24.18 -4.96 5.89
C GLY B 132 22.74 -4.51 6.11
N ASP B 133 22.57 -3.42 6.85
CA ASP B 133 21.26 -2.91 7.22
C ASP B 133 20.61 -2.08 6.11
N ASN B 134 21.43 -1.54 5.22
CA ASN B 134 20.92 -0.65 4.18
C ASN B 134 21.16 -1.21 2.79
N LEU B 135 20.16 -1.95 2.33
CA LEU B 135 20.23 -2.66 1.06
C LEU B 135 19.74 -1.78 -0.08
N LYS B 136 20.16 -2.12 -1.29
CA LYS B 136 19.82 -1.35 -2.49
C LYS B 136 19.49 -2.30 -3.61
N ALA B 137 18.49 -1.96 -4.40
CA ALA B 137 18.05 -2.80 -5.52
C ALA B 137 17.59 -1.96 -6.71
N ASN B 138 17.85 -2.47 -7.91
CA ASN B 138 17.21 -1.96 -9.11
C ASN B 138 15.98 -2.81 -9.42
N LEU B 139 14.88 -2.13 -9.75
CA LEU B 139 13.70 -2.79 -10.31
C LEU B 139 13.63 -2.45 -11.78
N ILE B 140 13.80 -3.46 -12.63
CA ILE B 140 13.92 -3.23 -14.06
C ILE B 140 12.70 -3.78 -14.81
N ILE B 141 12.00 -2.90 -15.50
CA ILE B 141 10.85 -3.30 -16.30
C ILE B 141 11.31 -3.37 -17.77
N GLY B 142 11.22 -4.57 -18.36
CA GLY B 142 11.63 -4.78 -19.74
C GLY B 142 10.53 -4.39 -20.71
#